data_4J0N
#
_entry.id   4J0N
#
_cell.length_a   51.940
_cell.length_b   51.940
_cell.length_c   176.690
_cell.angle_alpha   90.00
_cell.angle_beta   90.00
_cell.angle_gamma   120.00
#
_symmetry.space_group_name_H-M   'P 32'
#
loop_
_entity.id
_entity.type
_entity.pdbx_description
1 polymer 'Isatin hydrolase B'
2 non-polymer 'MANGANESE (II) ION'
3 non-polymer 'SODIUM ION'
4 non-polymer 'CALCIUM ION'
5 water water
#
_entity_poly.entity_id   1
_entity_poly.type   'polypeptide(L)'
_entity_poly.pdbx_seq_one_letter_code
;MSAQSALSGLGAKLLSGEVEVVDCTGVLGPNTPILQLPPDFAKNTPKVEIHKISEYDSDGPFFAWNWMVLGEHSGTHFDA
PHHWITGKDYSDGFTDTLDVQRLIAPVNVIDCSKESAADPDFLLTADLIKAWEAEHGEIGAGEWVVMRTDWDKRAGDEAA
FLNADETGPHSPGPTPDAIEYLLSKKIVGWGSQCIGTDAGQAGGMEPPFPAHNLLHRDNCFGLASLANLDKLPAKGAILI
AAPLKIERGTGSPIRALALVPKA
;
_entity_poly.pdbx_strand_id   A,B
#
loop_
_chem_comp.id
_chem_comp.type
_chem_comp.name
_chem_comp.formula
CA non-polymer 'CALCIUM ION' 'Ca 2'
MN non-polymer 'MANGANESE (II) ION' 'Mn 2'
NA non-polymer 'SODIUM ION' 'Na 1'
#
# COMPACT_ATOMS: atom_id res chain seq x y z
N SER A 2 -16.98 0.88 22.51
CA SER A 2 -16.40 -0.43 22.20
C SER A 2 -15.63 -0.36 20.88
N ALA A 3 -14.43 -0.93 20.88
CA ALA A 3 -13.63 -0.99 19.65
C ALA A 3 -14.35 -1.79 18.57
N GLN A 4 -14.98 -2.88 18.97
CA GLN A 4 -15.65 -3.74 18.02
C GLN A 4 -16.86 -3.03 17.42
N SER A 5 -17.65 -2.36 18.26
CA SER A 5 -18.81 -1.64 17.77
C SER A 5 -18.39 -0.52 16.82
N ALA A 6 -17.20 0.02 17.05
CA ALA A 6 -16.63 1.03 16.18
C ALA A 6 -16.22 0.45 14.81
N LEU A 7 -15.53 -0.69 14.83
CA LEU A 7 -15.11 -1.36 13.58
C LEU A 7 -16.31 -1.80 12.72
N SER A 8 -17.33 -2.36 13.35
CA SER A 8 -18.53 -2.79 12.62
C SER A 8 -19.22 -1.59 11.99
N GLY A 9 -19.36 -0.52 12.79
CA GLY A 9 -19.93 0.72 12.30
C GLY A 9 -19.15 1.24 11.11
N LEU A 10 -17.83 1.15 11.21
CA LEU A 10 -16.96 1.59 10.12
C LEU A 10 -17.26 0.77 8.88
N GLY A 11 -17.28 -0.56 9.05
CA GLY A 11 -17.53 -1.46 7.95
C GLY A 11 -18.84 -1.14 7.26
N ALA A 12 -19.89 -0.93 8.06
CA ALA A 12 -21.22 -0.65 7.51
C ALA A 12 -21.25 0.65 6.71
N LYS A 13 -20.51 1.64 7.19
CA LYS A 13 -20.51 2.97 6.57
C LYS A 13 -19.69 2.99 5.27
N LEU A 14 -18.71 2.10 5.20
CA LEU A 14 -17.92 1.93 3.99
C LEU A 14 -18.81 1.34 2.91
N LEU A 15 -19.56 0.32 3.31
CA LEU A 15 -20.47 -0.37 2.40
C LEU A 15 -21.57 0.57 1.90
N SER A 16 -22.16 1.34 2.82
CA SER A 16 -23.22 2.28 2.44
C SER A 16 -22.68 3.54 1.80
N GLY A 17 -21.35 3.70 1.81
CA GLY A 17 -20.72 4.89 1.27
C GLY A 17 -20.93 6.13 2.12
N GLU A 18 -21.41 5.93 3.35
CA GLU A 18 -21.53 7.02 4.31
C GLU A 18 -20.13 7.48 4.74
N VAL A 19 -19.17 6.56 4.65
CA VAL A 19 -17.76 6.91 4.74
C VAL A 19 -17.11 6.66 3.39
N GLU A 20 -16.61 7.74 2.78
CA GLU A 20 -16.05 7.67 1.43
C GLU A 20 -14.54 7.45 1.47
N VAL A 21 -14.05 6.54 0.62
CA VAL A 21 -12.62 6.30 0.47
C VAL A 21 -12.08 7.14 -0.69
N VAL A 22 -11.21 8.08 -0.36
CA VAL A 22 -10.59 8.96 -1.36
C VAL A 22 -9.21 8.47 -1.77
N ASP A 23 -8.98 8.37 -3.08
CA ASP A 23 -7.69 7.97 -3.65
C ASP A 23 -6.70 9.15 -3.66
N CYS A 24 -5.71 9.15 -2.76
CA CYS A 24 -4.74 10.25 -2.76
C CYS A 24 -3.46 9.84 -3.47
N THR A 25 -3.57 8.93 -4.42
CA THR A 25 -2.39 8.42 -5.08
C THR A 25 -2.43 8.80 -6.56
N GLY A 26 -1.26 9.10 -7.13
CA GLY A 26 -1.13 9.35 -8.55
C GLY A 26 -0.76 8.08 -9.32
N VAL A 27 -0.88 8.11 -10.64
CA VAL A 27 -0.59 6.91 -11.45
C VAL A 27 0.90 6.59 -11.46
N LEU A 28 1.22 5.30 -11.30
CA LEU A 28 2.59 4.83 -11.25
C LEU A 28 2.97 4.17 -12.57
N GLY A 29 3.78 4.88 -13.36
CA GLY A 29 4.14 4.42 -14.69
C GLY A 29 5.34 5.19 -15.23
N PRO A 30 5.69 4.94 -16.50
CA PRO A 30 6.93 5.50 -17.07
C PRO A 30 6.88 7.01 -17.17
N ASN A 31 5.68 7.59 -17.11
CA ASN A 31 5.55 9.04 -17.18
C ASN A 31 5.40 9.69 -15.81
N THR A 32 5.48 8.88 -14.77
CA THR A 32 5.42 9.39 -13.41
C THR A 32 6.62 10.30 -13.17
N PRO A 33 6.36 11.56 -12.79
CA PRO A 33 7.46 12.51 -12.51
C PRO A 33 8.39 11.96 -11.42
N ILE A 34 9.69 12.01 -11.68
CA ILE A 34 10.70 11.51 -10.75
C ILE A 34 11.75 12.58 -10.47
N LEU A 35 12.13 12.72 -9.19
CA LEU A 35 13.15 13.69 -8.75
C LEU A 35 14.42 13.71 -9.61
N GLN A 36 14.91 14.92 -9.91
CA GLN A 36 16.20 15.07 -10.59
C GLN A 36 17.16 15.81 -9.66
N LEU A 37 18.33 15.23 -9.44
CA LEU A 37 19.32 15.87 -8.58
C LEU A 37 20.49 16.37 -9.40
N PRO A 38 21.25 17.36 -8.90
CA PRO A 38 22.48 17.80 -9.57
C PRO A 38 23.46 16.63 -9.71
N PRO A 39 23.92 16.40 -10.96
CA PRO A 39 24.71 15.22 -11.36
C PRO A 39 26.08 15.17 -10.69
N ASP A 40 26.56 16.31 -10.21
CA ASP A 40 27.86 16.36 -9.55
C ASP A 40 27.65 16.26 -8.05
N PHE A 41 26.40 16.04 -7.66
CA PHE A 41 26.03 15.94 -6.25
C PHE A 41 25.55 14.54 -5.87
N ALA A 42 24.81 13.89 -6.77
CA ALA A 42 24.28 12.55 -6.48
C ALA A 42 23.77 11.75 -7.69
N LYS A 43 23.85 10.43 -7.60
CA LYS A 43 23.22 9.56 -8.59
C LYS A 43 21.70 9.76 -8.52
N ASN A 44 21.01 9.63 -9.65
CA ASN A 44 19.54 9.75 -9.66
C ASN A 44 18.86 8.42 -9.33
N THR A 45 17.63 8.49 -8.86
CA THR A 45 16.78 7.30 -8.77
C THR A 45 16.12 7.08 -10.15
N PRO A 46 16.00 5.82 -10.57
CA PRO A 46 15.61 5.56 -11.96
C PRO A 46 14.16 5.90 -12.33
N LYS A 47 13.94 6.19 -13.60
CA LYS A 47 12.58 6.35 -14.14
C LYS A 47 11.85 5.00 -14.03
N VAL A 48 10.53 5.04 -13.88
CA VAL A 48 9.75 3.81 -13.77
C VAL A 48 9.68 3.10 -15.14
N GLU A 49 9.99 1.80 -15.17
CA GLU A 49 9.75 0.97 -16.36
C GLU A 49 8.74 -0.14 -16.03
N ILE A 50 7.80 -0.37 -16.95
CA ILE A 50 6.86 -1.48 -16.86
C ILE A 50 7.13 -2.42 -18.04
N HIS A 51 7.45 -3.69 -17.76
CA HIS A 51 7.77 -4.65 -18.82
C HIS A 51 6.76 -5.81 -18.81
N LYS A 52 6.22 -6.15 -19.98
CA LYS A 52 5.25 -7.24 -20.08
C LYS A 52 5.88 -8.61 -19.85
N ILE A 53 5.21 -9.47 -19.10
CA ILE A 53 5.63 -10.86 -19.00
C ILE A 53 4.79 -11.69 -19.97
N SER A 54 3.50 -11.39 -19.99
CA SER A 54 2.57 -12.02 -20.91
C SER A 54 1.25 -11.27 -20.86
N GLU A 55 0.44 -11.46 -21.88
CA GLU A 55 -0.91 -10.92 -21.92
C GLU A 55 -1.78 -11.88 -22.71
N TYR A 56 -2.16 -12.99 -22.06
CA TYR A 56 -2.96 -14.04 -22.68
C TYR A 56 -2.36 -14.48 -24.02
N ASP A 57 -1.08 -14.81 -24.00
CA ASP A 57 -0.36 -15.22 -25.20
C ASP A 57 0.52 -16.44 -24.93
N SER A 58 1.44 -16.73 -25.84
CA SER A 58 2.24 -17.95 -25.73
C SER A 58 3.25 -17.87 -24.57
N ASP A 59 3.41 -16.68 -24.00
CA ASP A 59 4.31 -16.48 -22.85
C ASP A 59 3.57 -16.73 -21.52
N GLY A 60 2.24 -16.79 -21.59
CA GLY A 60 1.37 -17.03 -20.44
C GLY A 60 -0.08 -17.01 -20.88
N PRO A 61 -0.64 -18.18 -21.27
CA PRO A 61 -1.90 -18.36 -22.02
C PRO A 61 -3.17 -17.79 -21.38
N PHE A 62 -3.31 -17.95 -20.06
CA PHE A 62 -4.56 -17.59 -19.39
C PHE A 62 -4.45 -16.34 -18.54
N PHE A 63 -3.34 -15.61 -18.67
CA PHE A 63 -3.10 -14.50 -17.75
C PHE A 63 -2.27 -13.35 -18.31
N ALA A 64 -2.38 -12.19 -17.66
CA ALA A 64 -1.56 -11.03 -18.00
C ALA A 64 -0.88 -10.58 -16.73
N TRP A 65 0.40 -10.24 -16.86
CA TRP A 65 1.18 -9.68 -15.75
C TRP A 65 2.47 -9.03 -16.26
N ASN A 66 3.09 -8.24 -15.38
CA ASN A 66 4.26 -7.43 -15.74
C ASN A 66 5.29 -7.44 -14.61
N TRP A 67 6.52 -6.99 -14.91
CA TRP A 67 7.48 -6.66 -13.86
C TRP A 67 7.99 -5.24 -14.08
N MET A 68 8.61 -4.67 -13.06
CA MET A 68 8.97 -3.26 -13.08
C MET A 68 10.40 -3.01 -12.67
N VAL A 69 10.98 -1.97 -13.27
CA VAL A 69 12.14 -1.30 -12.69
C VAL A 69 11.53 -0.18 -11.86
N LEU A 70 11.80 -0.19 -10.56
CA LEU A 70 11.08 0.71 -9.64
C LEU A 70 11.94 1.23 -8.48
N GLY A 71 12.14 2.55 -8.42
CA GLY A 71 12.83 3.15 -7.29
C GLY A 71 11.92 3.16 -6.06
N GLU A 72 12.53 3.05 -4.88
CA GLU A 72 11.78 3.16 -3.63
C GLU A 72 10.99 4.47 -3.62
N HIS A 73 11.67 5.54 -4.04
CA HIS A 73 11.08 6.87 -4.03
C HIS A 73 10.49 7.21 -5.40
N SER A 74 9.30 6.67 -5.68
CA SER A 74 8.69 6.82 -7.00
C SER A 74 7.21 7.17 -6.88
N GLY A 75 6.80 8.27 -7.50
CA GLY A 75 5.40 8.69 -7.48
C GLY A 75 4.94 9.04 -6.08
N THR A 76 3.67 8.78 -5.81
CA THR A 76 3.16 8.91 -4.45
C THR A 76 3.89 7.89 -3.56
N HIS A 77 4.69 8.40 -2.62
CA HIS A 77 5.58 7.54 -1.86
C HIS A 77 5.85 7.98 -0.40
N PHE A 78 6.35 7.01 0.38
CA PHE A 78 6.61 7.14 1.80
C PHE A 78 8.13 7.27 2.05
N ASP A 79 8.53 8.17 2.96
CA ASP A 79 9.93 8.30 3.39
C ASP A 79 10.11 7.71 4.79
N ALA A 80 10.92 6.65 4.89
CA ALA A 80 11.25 6.05 6.19
C ALA A 80 12.45 6.78 6.78
N PRO A 81 12.57 6.79 8.12
CA PRO A 81 13.63 7.62 8.72
C PRO A 81 15.04 7.29 8.23
N HIS A 82 15.31 6.04 7.84
CA HIS A 82 16.65 5.67 7.39
C HIS A 82 17.07 6.40 6.11
N HIS A 83 16.12 7.04 5.45
CA HIS A 83 16.36 7.74 4.20
C HIS A 83 17.34 8.90 4.37
N TRP A 84 17.36 9.51 5.55
CA TRP A 84 18.31 10.58 5.81
C TRP A 84 19.37 10.19 6.84
N ILE A 85 20.54 10.80 6.72
CA ILE A 85 21.64 10.52 7.62
C ILE A 85 21.21 10.77 9.07
N THR A 86 20.33 11.74 9.27
CA THR A 86 19.87 12.09 10.62
C THR A 86 19.03 10.98 11.26
N GLY A 87 18.50 10.08 10.45
CA GLY A 87 17.71 8.98 10.98
C GLY A 87 18.35 7.62 10.84
N LYS A 88 19.64 7.60 10.50
CA LYS A 88 20.29 6.34 10.14
C LYS A 88 20.38 5.33 11.29
N ASP A 89 20.40 5.81 12.54
CA ASP A 89 20.63 4.93 13.69
C ASP A 89 19.37 4.29 14.29
N TYR A 90 18.20 4.74 13.87
CA TYR A 90 16.94 4.11 14.30
C TYR A 90 16.80 2.69 13.75
N SER A 91 16.82 1.70 14.64
CA SER A 91 16.63 0.31 14.23
C SER A 91 15.22 0.07 13.69
N ASP A 92 14.25 0.85 14.14
CA ASP A 92 12.90 0.77 13.59
C ASP A 92 12.70 1.79 12.47
N GLY A 93 13.80 2.27 11.90
CA GLY A 93 13.74 3.32 10.90
C GLY A 93 13.58 2.83 9.46
N PHE A 94 13.30 1.54 9.29
CA PHE A 94 13.16 0.96 7.96
C PHE A 94 11.70 0.63 7.65
N THR A 95 11.38 0.53 6.36
CA THR A 95 10.04 0.14 5.92
C THR A 95 9.57 -1.16 6.58
N ASP A 96 10.50 -2.08 6.82
CA ASP A 96 10.13 -3.37 7.41
C ASP A 96 10.27 -3.43 8.95
N THR A 97 10.77 -2.36 9.56
CA THR A 97 10.94 -2.37 11.02
C THR A 97 10.10 -1.32 11.77
N LEU A 98 9.55 -0.36 11.03
CA LEU A 98 8.69 0.67 11.63
C LEU A 98 7.39 0.09 12.20
N ASP A 99 6.70 0.93 12.99
CA ASP A 99 5.52 0.50 13.73
C ASP A 99 4.26 0.89 12.96
N VAL A 100 3.58 -0.12 12.40
CA VAL A 100 2.40 0.09 11.56
C VAL A 100 1.22 0.70 12.31
N GLN A 101 1.26 0.63 13.65
CA GLN A 101 0.25 1.32 14.47
C GLN A 101 0.22 2.83 14.14
N ARG A 102 1.38 3.39 13.81
CA ARG A 102 1.51 4.83 13.59
C ARG A 102 1.03 5.28 12.21
N LEU A 103 0.94 4.34 11.27
CA LEU A 103 0.70 4.63 9.85
C LEU A 103 -0.70 5.17 9.52
N ILE A 104 -1.68 4.83 10.34
CA ILE A 104 -3.06 5.23 10.08
C ILE A 104 -3.48 6.23 11.14
N ALA A 105 -3.77 7.46 10.75
CA ALA A 105 -4.05 8.51 11.70
C ALA A 105 -4.89 9.61 11.08
N PRO A 106 -5.57 10.42 11.94
CA PRO A 106 -6.26 11.63 11.45
C PRO A 106 -5.28 12.52 10.70
N VAL A 107 -5.78 13.20 9.66
CA VAL A 107 -4.94 14.06 8.84
C VAL A 107 -5.40 15.54 8.84
N ASN A 108 -4.45 16.45 9.06
CA ASN A 108 -4.72 17.87 8.95
C ASN A 108 -4.37 18.31 7.54
N VAL A 109 -5.35 18.84 6.82
CA VAL A 109 -5.12 19.27 5.45
C VAL A 109 -5.02 20.81 5.37
N ILE A 110 -3.80 21.30 5.19
CA ILE A 110 -3.57 22.75 5.16
C ILE A 110 -3.56 23.30 3.73
N ASP A 111 -4.64 23.98 3.34
CA ASP A 111 -4.82 24.45 1.96
C ASP A 111 -3.96 25.65 1.61
N CYS A 112 -2.90 25.42 0.85
CA CYS A 112 -2.02 26.49 0.43
C CYS A 112 -2.07 26.69 -1.09
N SER A 113 -3.19 26.30 -1.68
CA SER A 113 -3.30 26.26 -3.14
C SER A 113 -3.29 27.64 -3.81
N LYS A 114 -4.00 28.60 -3.23
CA LYS A 114 -3.98 29.98 -3.73
C LYS A 114 -2.59 30.61 -3.69
N GLU A 115 -1.95 30.57 -2.53
CA GLU A 115 -0.60 31.12 -2.39
C GLU A 115 0.39 30.46 -3.33
N SER A 116 0.25 29.15 -3.50
CA SER A 116 1.18 28.39 -4.33
C SER A 116 0.99 28.73 -5.81
N ALA A 117 -0.26 28.93 -6.20
CA ALA A 117 -0.58 29.33 -7.55
C ALA A 117 0.08 30.68 -7.88
N ALA A 118 0.09 31.59 -6.91
CA ALA A 118 0.69 32.91 -7.12
C ALA A 118 2.20 32.92 -6.93
N ASP A 119 2.71 31.98 -6.15
CA ASP A 119 4.13 31.92 -5.83
C ASP A 119 4.57 30.47 -5.79
N PRO A 120 5.29 30.02 -6.83
CA PRO A 120 5.68 28.60 -6.87
C PRO A 120 6.65 28.30 -5.75
N ASP A 121 7.35 29.33 -5.27
CA ASP A 121 8.27 29.16 -4.17
C ASP A 121 7.63 29.42 -2.82
N PHE A 122 6.30 29.43 -2.75
CA PHE A 122 5.60 29.67 -1.49
C PHE A 122 6.07 28.75 -0.35
N LEU A 123 6.31 29.36 0.81
CA LEU A 123 6.71 28.61 1.98
C LEU A 123 5.65 28.67 3.06
N LEU A 124 5.35 27.53 3.66
CA LEU A 124 4.45 27.48 4.81
C LEU A 124 5.28 27.70 6.07
N THR A 125 4.92 28.68 6.88
CA THR A 125 5.65 28.99 8.11
C THR A 125 4.95 28.50 9.38
N ALA A 126 5.69 28.46 10.48
CA ALA A 126 5.10 28.14 11.78
C ALA A 126 3.93 29.07 12.12
N ASP A 127 4.10 30.36 11.88
CA ASP A 127 3.05 31.34 12.13
C ASP A 127 1.79 31.02 11.33
N LEU A 128 1.96 30.77 10.03
CA LEU A 128 0.83 30.39 9.18
C LEU A 128 0.14 29.12 9.68
N ILE A 129 0.91 28.20 10.23
CA ILE A 129 0.37 26.94 10.73
C ILE A 129 -0.45 27.19 12.00
N LYS A 130 0.06 28.09 12.85
CA LYS A 130 -0.64 28.44 14.08
C LYS A 130 -1.94 29.17 13.78
N ALA A 131 -1.93 30.01 12.75
CA ALA A 131 -3.16 30.69 12.39
C ALA A 131 -4.14 29.63 11.90
N TRP A 132 -3.62 28.66 11.15
CA TRP A 132 -4.41 27.53 10.69
C TRP A 132 -5.03 26.82 11.87
N GLU A 133 -4.21 26.49 12.87
CA GLU A 133 -4.70 25.82 14.07
C GLU A 133 -5.79 26.61 14.80
N ALA A 134 -5.58 27.93 14.84
CA ALA A 134 -6.54 28.85 15.44
C ALA A 134 -7.91 28.75 14.79
N GLU A 135 -7.93 28.49 13.48
CA GLU A 135 -9.19 28.41 12.76
C GLU A 135 -9.83 27.01 12.75
N HIS A 136 -9.02 25.97 12.55
CA HIS A 136 -9.57 24.61 12.37
C HIS A 136 -9.45 23.71 13.60
N GLY A 137 -8.50 24.00 14.50
CA GLY A 137 -8.29 23.20 15.69
C GLY A 137 -6.83 22.81 15.81
N GLU A 138 -6.37 22.48 17.03
CA GLU A 138 -4.96 22.15 17.21
C GLU A 138 -4.54 20.90 16.44
N ILE A 139 -3.27 20.85 16.05
CA ILE A 139 -2.70 19.66 15.45
C ILE A 139 -2.27 18.75 16.59
N GLY A 140 -2.67 17.48 16.52
CA GLY A 140 -2.48 16.56 17.63
C GLY A 140 -1.32 15.59 17.46
N ALA A 141 -0.87 15.02 18.60
CA ALA A 141 0.17 14.01 18.60
C ALA A 141 -0.23 12.84 17.70
N GLY A 142 0.75 12.29 17.00
CA GLY A 142 0.53 11.12 16.17
C GLY A 142 -0.24 11.38 14.88
N GLU A 143 -0.64 12.63 14.65
CA GLU A 143 -1.42 12.98 13.46
C GLU A 143 -0.56 13.23 12.20
N TRP A 144 -1.20 13.08 11.03
CA TRP A 144 -0.58 13.44 9.75
C TRP A 144 -0.81 14.91 9.46
N VAL A 145 0.16 15.53 8.80
CA VAL A 145 -0.02 16.90 8.37
C VAL A 145 0.41 16.96 6.91
N VAL A 146 -0.49 17.40 6.05
CA VAL A 146 -0.19 17.46 4.63
C VAL A 146 -0.41 18.87 4.14
N MET A 147 0.41 19.27 3.16
CA MET A 147 0.31 20.60 2.56
C MET A 147 -0.33 20.51 1.17
N ARG A 148 -1.57 20.98 1.07
CA ARG A 148 -2.29 21.04 -0.19
C ARG A 148 -1.90 22.24 -1.06
N THR A 149 -1.38 21.94 -2.24
CA THR A 149 -0.93 22.96 -3.17
C THR A 149 -1.63 22.80 -4.50
N ASP A 150 -2.36 21.69 -4.63
CA ASP A 150 -2.94 21.27 -5.89
C ASP A 150 -1.87 21.12 -6.96
N TRP A 151 -0.67 20.74 -6.53
CA TRP A 151 0.45 20.49 -7.46
C TRP A 151 0.18 19.26 -8.34
N ASP A 152 -0.77 18.42 -7.93
CA ASP A 152 -1.04 17.21 -8.70
C ASP A 152 -1.53 17.49 -10.13
N LYS A 153 -2.01 18.72 -10.35
CA LYS A 153 -2.46 19.17 -11.68
C LYS A 153 -1.31 19.26 -12.68
N ARG A 154 -0.08 19.25 -12.21
CA ARG A 154 1.09 19.27 -13.09
C ARG A 154 1.63 17.85 -13.35
N ALA A 155 1.08 16.87 -12.64
CA ALA A 155 1.58 15.50 -12.70
C ALA A 155 1.66 14.90 -14.11
N GLY A 156 0.86 15.42 -15.04
CA GLY A 156 0.90 14.97 -16.42
C GLY A 156 2.12 15.43 -17.22
N ASP A 157 2.93 16.30 -16.64
CA ASP A 157 4.07 16.86 -17.34
C ASP A 157 5.20 17.07 -16.34
N GLU A 158 6.16 16.15 -16.37
CA GLU A 158 7.30 16.16 -15.46
C GLU A 158 7.99 17.53 -15.36
N ALA A 159 8.29 18.13 -16.51
CA ALA A 159 8.92 19.46 -16.54
C ALA A 159 8.14 20.52 -15.75
N ALA A 160 6.82 20.52 -15.87
CA ALA A 160 6.01 21.48 -15.15
C ALA A 160 5.87 21.09 -13.69
N PHE A 161 5.97 19.79 -13.42
CA PHE A 161 5.86 19.26 -12.07
C PHE A 161 7.11 19.59 -11.24
N LEU A 162 8.30 19.43 -11.85
CA LEU A 162 9.55 19.81 -11.19
C LEU A 162 9.71 21.33 -11.21
N ASN A 163 9.17 21.95 -12.26
CA ASN A 163 9.15 23.41 -12.38
C ASN A 163 10.53 24.06 -12.19
N ALA A 164 11.52 23.55 -12.90
CA ALA A 164 12.87 24.04 -12.73
C ALA A 164 13.22 25.11 -13.75
N ASP A 165 14.09 26.03 -13.35
CA ASP A 165 14.75 26.95 -14.28
C ASP A 165 16.26 26.98 -13.94
N GLU A 166 16.96 28.03 -14.39
CA GLU A 166 18.41 28.13 -14.18
C GLU A 166 18.87 27.96 -12.73
N THR A 167 18.06 28.40 -11.77
CA THR A 167 18.45 28.26 -10.37
C THR A 167 17.89 26.99 -9.67
N GLY A 168 17.25 26.11 -10.43
CA GLY A 168 16.73 24.87 -9.85
C GLY A 168 15.22 24.77 -9.78
N PRO A 169 14.73 23.71 -9.09
CA PRO A 169 13.29 23.47 -8.93
C PRO A 169 12.62 24.58 -8.15
N HIS A 170 11.43 25.00 -8.61
CA HIS A 170 10.63 25.95 -7.85
C HIS A 170 9.26 25.35 -7.53
N SER A 171 9.08 24.99 -6.26
CA SER A 171 7.86 24.30 -5.81
C SER A 171 7.68 24.51 -4.30
N PRO A 172 6.43 24.58 -3.85
CA PRO A 172 6.10 24.98 -2.46
C PRO A 172 6.58 23.96 -1.41
N GLY A 173 6.80 24.46 -0.19
CA GLY A 173 7.34 23.64 0.89
C GLY A 173 7.30 24.36 2.22
N PRO A 174 7.73 23.68 3.29
CA PRO A 174 7.76 24.26 4.65
C PRO A 174 9.08 24.98 4.92
N THR A 175 9.06 25.96 5.81
CA THR A 175 10.30 26.50 6.38
C THR A 175 10.83 25.51 7.41
N PRO A 176 12.10 25.64 7.78
CA PRO A 176 12.56 24.90 8.95
C PRO A 176 11.70 25.17 10.18
N ASP A 177 11.31 26.43 10.39
CA ASP A 177 10.52 26.75 11.59
C ASP A 177 9.20 25.98 11.62
N ALA A 178 8.60 25.78 10.45
CA ALA A 178 7.35 25.02 10.34
C ALA A 178 7.54 23.57 10.79
N ILE A 179 8.61 22.94 10.30
CA ILE A 179 8.90 21.56 10.64
C ILE A 179 9.23 21.41 12.13
N GLU A 180 10.13 22.26 12.62
CA GLU A 180 10.43 22.33 14.05
C GLU A 180 9.16 22.46 14.92
N TYR A 181 8.21 23.27 14.49
CA TYR A 181 6.96 23.45 15.23
C TYR A 181 6.09 22.19 15.21
N LEU A 182 5.92 21.60 14.03
CA LEU A 182 5.15 20.34 13.92
C LEU A 182 5.74 19.25 14.82
N LEU A 183 7.07 19.15 14.86
CA LEU A 183 7.73 18.17 15.71
C LEU A 183 7.41 18.37 17.19
N SER A 184 7.28 19.62 17.63
CA SER A 184 6.92 19.88 19.03
C SER A 184 5.50 19.37 19.33
N LYS A 185 4.70 19.23 18.29
CA LYS A 185 3.35 18.69 18.42
C LYS A 185 3.31 17.15 18.33
N LYS A 186 4.49 16.53 18.23
CA LYS A 186 4.66 15.08 18.10
C LYS A 186 3.80 14.46 16.97
N ILE A 187 3.76 15.11 15.81
CA ILE A 187 3.05 14.54 14.66
C ILE A 187 3.66 13.21 14.22
N VAL A 188 2.97 12.47 13.36
CA VAL A 188 3.59 11.24 12.86
C VAL A 188 4.46 11.54 11.64
N GLY A 189 4.03 12.51 10.85
CA GLY A 189 4.75 12.82 9.64
C GLY A 189 4.13 13.92 8.80
N TRP A 190 4.81 14.24 7.69
CA TRP A 190 4.49 15.40 6.88
C TRP A 190 4.45 15.00 5.40
N GLY A 191 3.42 15.46 4.70
CA GLY A 191 3.24 15.07 3.31
C GLY A 191 3.02 16.26 2.39
N SER A 192 3.45 16.09 1.14
CA SER A 192 3.34 17.14 0.14
C SER A 192 2.77 16.60 -1.17
N GLN A 193 2.33 17.49 -2.05
CA GLN A 193 1.91 17.09 -3.39
C GLN A 193 3.01 17.27 -4.42
N CYS A 194 4.15 17.78 -3.98
CA CYS A 194 5.30 17.97 -4.87
C CYS A 194 6.16 16.72 -4.92
N ILE A 195 7.28 16.80 -5.64
CA ILE A 195 8.15 15.62 -5.86
C ILE A 195 8.75 15.10 -4.57
N GLY A 196 8.86 15.98 -3.58
CA GLY A 196 9.42 15.64 -2.29
C GLY A 196 8.78 16.49 -1.22
N THR A 197 9.14 16.20 0.02
CA THR A 197 8.59 16.88 1.19
C THR A 197 9.13 18.30 1.37
N ASP A 198 10.26 18.60 0.76
CA ASP A 198 10.80 19.96 0.88
C ASP A 198 10.49 20.81 -0.34
N ALA A 199 10.53 22.12 -0.18
CA ALA A 199 10.40 23.04 -1.31
C ALA A 199 11.51 22.77 -2.33
N GLY A 200 11.27 23.11 -3.59
CA GLY A 200 12.28 22.92 -4.62
C GLY A 200 13.60 23.61 -4.25
N GLN A 201 13.48 24.73 -3.54
CA GLN A 201 14.65 25.50 -3.15
C GLN A 201 15.25 25.13 -1.78
N ALA A 202 15.01 23.91 -1.31
CA ALA A 202 15.43 23.57 0.06
C ALA A 202 16.94 23.39 0.24
N GLY A 203 17.68 23.25 -0.86
CA GLY A 203 19.13 23.01 -0.80
C GLY A 203 19.86 24.20 -0.19
N GLY A 204 19.32 25.39 -0.43
CA GLY A 204 19.89 26.60 0.13
C GLY A 204 19.25 26.94 1.47
N MET A 205 18.42 26.05 1.99
CA MET A 205 17.82 26.30 3.31
C MET A 205 18.80 25.94 4.44
N GLU A 206 18.51 26.43 5.64
CA GLU A 206 19.35 26.11 6.80
C GLU A 206 18.49 25.51 7.90
N PRO A 207 18.63 24.19 8.12
CA PRO A 207 19.50 23.27 7.37
C PRO A 207 18.92 22.84 6.02
N PRO A 208 19.79 22.41 5.09
CA PRO A 208 19.32 21.96 3.77
C PRO A 208 18.30 20.85 3.92
N PHE A 209 17.21 20.95 3.15
CA PHE A 209 16.16 19.93 3.18
C PHE A 209 15.66 19.65 4.60
N PRO A 210 15.11 20.71 5.24
CA PRO A 210 14.73 20.62 6.65
C PRO A 210 13.68 19.55 6.90
N ALA A 211 12.71 19.42 6.00
CA ALA A 211 11.71 18.36 6.13
C ALA A 211 12.38 17.00 6.22
N HIS A 212 13.17 16.65 5.22
CA HIS A 212 13.89 15.37 5.24
C HIS A 212 14.77 15.30 6.49
N ASN A 213 15.51 16.38 6.76
CA ASN A 213 16.49 16.37 7.84
C ASN A 213 15.85 16.19 9.22
N LEU A 214 14.91 17.07 9.53
CA LEU A 214 14.34 17.14 10.88
C LEU A 214 13.29 16.06 11.17
N LEU A 215 12.47 15.70 10.17
CA LEU A 215 11.44 14.67 10.38
C LEU A 215 12.12 13.36 10.74
N HIS A 216 13.11 12.99 9.94
CA HIS A 216 13.77 11.71 10.08
C HIS A 216 14.69 11.67 11.28
N ARG A 217 15.23 12.84 11.66
CA ARG A 217 16.00 13.00 12.89
C ARG A 217 15.17 12.49 14.06
N ASP A 218 13.88 12.81 14.04
CA ASP A 218 12.96 12.48 15.12
C ASP A 218 12.13 11.21 14.88
N ASN A 219 12.64 10.32 14.01
CA ASN A 219 11.95 9.06 13.70
C ASN A 219 10.51 9.28 13.18
N CYS A 220 10.33 10.29 12.34
CA CYS A 220 9.02 10.57 11.74
C CYS A 220 8.99 10.30 10.22
N PHE A 221 7.81 10.45 9.63
CA PHE A 221 7.58 10.02 8.25
C PHE A 221 7.33 11.18 7.29
N GLY A 222 7.68 10.98 6.02
CA GLY A 222 7.35 11.93 4.98
C GLY A 222 6.57 11.25 3.88
N LEU A 223 5.69 12.00 3.22
CA LEU A 223 4.97 11.53 2.04
C LEU A 223 5.18 12.56 0.94
N ALA A 224 5.29 12.11 -0.31
CA ALA A 224 5.48 13.02 -1.44
C ALA A 224 4.57 12.65 -2.61
N SER A 225 4.33 13.63 -3.49
CA SER A 225 3.44 13.45 -4.66
C SER A 225 2.03 12.99 -4.29
N LEU A 226 1.49 13.48 -3.17
CA LEU A 226 0.10 13.18 -2.82
C LEU A 226 -0.87 13.80 -3.85
N ALA A 227 -1.84 13.01 -4.27
CA ALA A 227 -2.88 13.43 -5.21
C ALA A 227 -4.17 13.80 -4.44
N ASN A 228 -5.03 14.61 -5.07
CA ASN A 228 -6.40 14.84 -4.58
C ASN A 228 -6.63 15.26 -3.12
N LEU A 229 -5.70 16.04 -2.57
CA LEU A 229 -5.89 16.69 -1.28
C LEU A 229 -7.03 17.71 -1.34
N ASP A 230 -7.34 18.18 -2.55
CA ASP A 230 -8.52 19.03 -2.76
C ASP A 230 -9.86 18.33 -2.45
N LYS A 231 -9.85 16.98 -2.43
CA LYS A 231 -11.04 16.20 -2.04
C LYS A 231 -11.15 15.97 -0.54
N LEU A 232 -10.15 16.43 0.21
CA LEU A 232 -10.16 16.19 1.65
C LEU A 232 -10.61 17.44 2.38
N PRO A 233 -11.23 17.26 3.57
CA PRO A 233 -11.53 18.37 4.48
C PRO A 233 -10.31 18.71 5.34
N ALA A 234 -10.23 19.97 5.77
CA ALA A 234 -9.17 20.42 6.68
C ALA A 234 -9.00 19.49 7.87
N LYS A 235 -10.12 19.09 8.48
CA LYS A 235 -10.13 18.22 9.66
C LYS A 235 -11.10 17.04 9.51
N GLY A 236 -10.90 16.01 10.34
CA GLY A 236 -11.86 14.93 10.47
C GLY A 236 -11.59 13.67 9.65
N ALA A 237 -10.65 13.73 8.73
CA ALA A 237 -10.36 12.59 7.87
C ALA A 237 -9.22 11.73 8.41
N ILE A 238 -9.30 10.42 8.14
CA ILE A 238 -8.24 9.47 8.50
C ILE A 238 -7.37 9.22 7.26
N LEU A 239 -6.06 9.29 7.40
CA LEU A 239 -5.15 8.99 6.29
C LEU A 239 -4.46 7.65 6.51
N ILE A 240 -4.51 6.80 5.48
CA ILE A 240 -3.79 5.53 5.46
C ILE A 240 -2.65 5.62 4.44
N ALA A 241 -1.41 5.61 4.92
CA ALA A 241 -0.26 5.69 4.03
C ALA A 241 0.79 4.69 4.49
N ALA A 242 0.76 3.50 3.92
CA ALA A 242 1.61 2.41 4.38
C ALA A 242 2.63 1.98 3.34
N PRO A 243 3.91 1.93 3.72
CA PRO A 243 4.93 1.46 2.79
C PRO A 243 4.94 -0.06 2.60
N LEU A 244 5.29 -0.50 1.40
CA LEU A 244 5.68 -1.89 1.18
C LEU A 244 6.74 -2.31 2.20
N LYS A 245 6.69 -3.57 2.60
CA LYS A 245 7.59 -4.05 3.64
C LYS A 245 8.93 -4.41 2.98
N ILE A 246 9.56 -3.42 2.36
CA ILE A 246 10.83 -3.69 1.69
C ILE A 246 11.91 -3.97 2.74
N GLU A 247 12.70 -5.01 2.50
CA GLU A 247 13.74 -5.38 3.44
C GLU A 247 14.76 -4.24 3.53
N ARG A 248 14.92 -3.69 4.74
CA ARG A 248 15.79 -2.54 4.96
C ARG A 248 15.47 -1.38 4.01
N GLY A 249 14.19 -1.26 3.63
CA GLY A 249 13.77 -0.22 2.70
C GLY A 249 13.90 1.16 3.34
N THR A 250 14.27 2.16 2.54
CA THR A 250 14.37 3.54 3.02
C THR A 250 13.08 4.32 2.73
N GLY A 251 12.20 3.71 1.93
CA GLY A 251 10.98 4.35 1.51
C GLY A 251 10.23 3.38 0.61
N SER A 252 9.08 3.79 0.08
CA SER A 252 8.28 2.92 -0.79
C SER A 252 7.19 3.69 -1.53
N PRO A 253 6.93 3.31 -2.80
CA PRO A 253 5.67 3.81 -3.36
C PRO A 253 4.51 3.32 -2.50
N ILE A 254 3.43 4.09 -2.41
CA ILE A 254 2.29 3.72 -1.60
C ILE A 254 1.01 3.93 -2.36
N ARG A 255 -0.05 3.27 -1.89
CA ARG A 255 -1.40 3.61 -2.34
C ARG A 255 -2.08 4.38 -1.21
N ALA A 256 -1.72 5.66 -1.08
CA ALA A 256 -2.33 6.55 -0.10
C ALA A 256 -3.85 6.60 -0.25
N LEU A 257 -4.56 6.32 0.84
CA LEU A 257 -6.01 6.37 0.85
C LEU A 257 -6.50 7.10 2.10
N ALA A 258 -7.48 7.98 1.93
CA ALA A 258 -8.08 8.66 3.07
C ALA A 258 -9.57 8.32 3.21
N LEU A 259 -10.06 8.37 4.46
CA LEU A 259 -11.46 8.13 4.76
C LEU A 259 -12.13 9.46 5.11
N VAL A 260 -13.11 9.88 4.32
CA VAL A 260 -13.82 11.14 4.58
C VAL A 260 -15.31 10.85 4.74
N PRO A 261 -16.00 11.69 5.52
CA PRO A 261 -17.45 11.48 5.72
C PRO A 261 -18.22 12.10 4.56
N LYS A 262 -19.30 11.44 4.15
CA LYS A 262 -20.19 11.97 3.09
C LYS A 262 -21.39 11.07 2.86
N SER B 2 -23.60 9.21 12.81
CA SER B 2 -22.83 10.27 12.15
C SER B 2 -21.50 9.71 11.62
N ALA B 3 -21.27 9.91 10.33
CA ALA B 3 -20.03 9.48 9.70
C ALA B 3 -18.82 10.13 10.36
N GLN B 4 -18.92 11.41 10.68
CA GLN B 4 -17.78 12.11 11.25
C GLN B 4 -17.41 11.59 12.64
N SER B 5 -18.40 11.26 13.47
CA SER B 5 -18.08 10.77 14.81
C SER B 5 -17.48 9.36 14.72
N ALA B 6 -17.84 8.63 13.67
CA ALA B 6 -17.23 7.33 13.39
C ALA B 6 -15.73 7.48 13.14
N LEU B 7 -15.37 8.40 12.25
CA LEU B 7 -13.95 8.66 11.95
C LEU B 7 -13.14 9.22 13.13
N SER B 8 -13.72 10.16 13.87
CA SER B 8 -13.04 10.71 15.03
C SER B 8 -12.87 9.64 16.09
N GLY B 9 -13.94 8.89 16.35
CA GLY B 9 -13.89 7.76 17.26
C GLY B 9 -12.75 6.82 16.89
N LEU B 10 -12.69 6.47 15.60
CA LEU B 10 -11.62 5.61 15.07
C LEU B 10 -10.21 6.20 15.25
N GLY B 11 -10.05 7.48 14.92
CA GLY B 11 -8.78 8.13 15.11
C GLY B 11 -8.30 8.06 16.56
N ALA B 12 -9.22 8.27 17.49
CA ALA B 12 -8.85 8.24 18.91
C ALA B 12 -8.43 6.83 19.39
N LYS B 13 -9.19 5.82 18.96
CA LYS B 13 -8.92 4.42 19.34
C LYS B 13 -7.63 3.89 18.71
N LEU B 14 -7.28 4.40 17.53
CA LEU B 14 -5.99 4.10 16.93
C LEU B 14 -4.88 4.67 17.80
N LEU B 15 -4.99 5.95 18.13
CA LEU B 15 -3.98 6.66 18.92
C LEU B 15 -3.79 6.03 20.30
N SER B 16 -4.88 5.52 20.88
CA SER B 16 -4.86 4.88 22.20
C SER B 16 -4.54 3.38 22.17
N GLY B 17 -4.65 2.78 20.99
CA GLY B 17 -4.37 1.36 20.86
C GLY B 17 -5.54 0.46 21.22
N GLU B 18 -6.73 1.04 21.36
CA GLU B 18 -7.95 0.26 21.55
C GLU B 18 -8.35 -0.42 20.24
N VAL B 19 -7.95 0.18 19.12
CA VAL B 19 -7.97 -0.50 17.83
C VAL B 19 -6.53 -0.74 17.41
N GLU B 20 -6.17 -2.02 17.28
CA GLU B 20 -4.81 -2.41 16.91
C GLU B 20 -4.63 -2.58 15.41
N VAL B 21 -3.52 -2.07 14.89
CA VAL B 21 -3.16 -2.29 13.48
C VAL B 21 -2.31 -3.54 13.42
N VAL B 22 -2.78 -4.55 12.69
CA VAL B 22 -1.99 -5.78 12.52
C VAL B 22 -1.35 -5.82 11.14
N ASP B 23 -0.05 -6.09 11.12
CA ASP B 23 0.71 -6.14 9.87
C ASP B 23 0.50 -7.49 9.17
N CYS B 24 -0.22 -7.50 8.06
CA CYS B 24 -0.52 -8.79 7.43
C CYS B 24 0.38 -9.10 6.25
N THR B 25 1.57 -8.48 6.27
CA THR B 25 2.49 -8.52 5.13
C THR B 25 3.81 -9.23 5.46
N GLY B 26 4.32 -10.01 4.50
CA GLY B 26 5.63 -10.60 4.63
C GLY B 26 6.76 -9.67 4.18
N VAL B 27 8.00 -10.01 4.52
CA VAL B 27 9.13 -9.17 4.10
C VAL B 27 9.36 -9.25 2.59
N LEU B 28 9.41 -8.10 1.95
CA LEU B 28 9.66 -8.05 0.51
C LEU B 28 11.15 -7.83 0.24
N GLY B 29 11.80 -8.87 -0.30
CA GLY B 29 13.19 -8.81 -0.66
C GLY B 29 13.61 -10.02 -1.49
N PRO B 30 14.92 -10.21 -1.68
CA PRO B 30 15.45 -11.27 -2.55
C PRO B 30 15.01 -12.66 -2.11
N ASN B 31 14.79 -12.84 -0.81
CA ASN B 31 14.40 -14.15 -0.29
C ASN B 31 12.89 -14.37 -0.28
N THR B 32 12.15 -13.34 -0.67
CA THR B 32 10.70 -13.46 -0.82
C THR B 32 10.34 -14.60 -1.79
N PRO B 33 9.56 -15.59 -1.32
CA PRO B 33 9.15 -16.67 -2.23
C PRO B 33 8.32 -16.15 -3.41
N ILE B 34 8.61 -16.67 -4.60
CA ILE B 34 8.03 -16.20 -5.86
C ILE B 34 7.51 -17.39 -6.64
N LEU B 35 6.35 -17.25 -7.30
CA LEU B 35 5.74 -18.35 -8.06
C LEU B 35 6.72 -18.96 -9.08
N GLN B 36 6.72 -20.29 -9.14
CA GLN B 36 7.45 -21.00 -10.19
C GLN B 36 6.46 -21.77 -11.04
N LEU B 37 6.43 -21.48 -12.34
CA LEU B 37 5.58 -22.16 -13.30
C LEU B 37 6.41 -23.13 -14.18
N PRO B 38 5.75 -24.14 -14.76
CA PRO B 38 6.41 -25.01 -15.76
C PRO B 38 6.92 -24.17 -16.92
N PRO B 39 8.22 -24.25 -17.20
CA PRO B 39 8.85 -23.39 -18.22
C PRO B 39 8.37 -23.66 -19.66
N ASP B 40 7.75 -24.82 -19.90
CA ASP B 40 7.13 -25.10 -21.20
C ASP B 40 5.67 -24.65 -21.20
N PHE B 41 5.24 -24.04 -20.10
CA PHE B 41 3.88 -23.54 -20.00
C PHE B 41 3.79 -22.03 -20.06
N ALA B 42 4.76 -21.33 -19.46
CA ALA B 42 4.74 -19.87 -19.35
C ALA B 42 6.06 -19.28 -18.83
N LYS B 43 6.28 -18.00 -19.07
CA LYS B 43 7.47 -17.33 -18.55
C LYS B 43 7.30 -17.02 -17.05
N ASN B 44 8.41 -17.01 -16.32
CA ASN B 44 8.37 -16.72 -14.88
C ASN B 44 8.37 -15.22 -14.56
N THR B 45 7.64 -14.84 -13.51
CA THR B 45 7.86 -13.52 -12.92
C THR B 45 9.23 -13.52 -12.21
N PRO B 46 9.95 -12.38 -12.25
CA PRO B 46 11.34 -12.40 -11.76
C PRO B 46 11.45 -12.43 -10.23
N LYS B 47 12.58 -12.93 -9.72
CA LYS B 47 12.88 -12.83 -8.29
C LYS B 47 13.12 -11.35 -7.93
N VAL B 48 12.81 -10.99 -6.68
CA VAL B 48 12.98 -9.60 -6.20
C VAL B 48 14.45 -9.24 -6.10
N GLU B 49 14.82 -8.07 -6.65
CA GLU B 49 16.18 -7.54 -6.48
C GLU B 49 16.10 -6.18 -5.80
N ILE B 50 17.05 -5.89 -4.92
CA ILE B 50 17.15 -4.57 -4.31
C ILE B 50 18.52 -3.96 -4.57
N HIS B 51 18.56 -2.88 -5.32
CA HIS B 51 19.85 -2.27 -5.68
C HIS B 51 20.07 -0.94 -4.96
N LYS B 52 21.20 -0.82 -4.27
CA LYS B 52 21.57 0.43 -3.61
C LYS B 52 21.84 1.53 -4.62
N ILE B 53 21.26 2.70 -4.36
CA ILE B 53 21.66 3.90 -5.10
C ILE B 53 22.77 4.61 -4.32
N SER B 54 22.52 4.91 -3.04
CA SER B 54 23.56 5.43 -2.13
C SER B 54 23.25 5.13 -0.67
N GLU B 55 24.26 5.22 0.19
CA GLU B 55 24.06 5.16 1.63
C GLU B 55 24.99 6.12 2.39
N TYR B 56 24.62 7.40 2.39
CA TYR B 56 25.40 8.48 3.02
C TYR B 56 26.83 8.44 2.52
N ASP B 57 27.02 8.48 1.21
CA ASP B 57 28.34 8.26 0.61
C ASP B 57 28.53 9.15 -0.60
N SER B 58 29.59 8.94 -1.37
CA SER B 58 29.86 9.82 -2.50
C SER B 58 28.73 9.85 -3.55
N ASP B 59 27.95 8.76 -3.64
CA ASP B 59 26.84 8.67 -4.59
C ASP B 59 25.59 9.39 -4.11
N GLY B 60 25.57 9.71 -2.81
CA GLY B 60 24.47 10.42 -2.16
C GLY B 60 24.81 10.71 -0.71
N PRO B 61 25.41 11.88 -0.45
CA PRO B 61 26.05 12.26 0.84
C PRO B 61 25.12 12.20 2.05
N PHE B 62 23.95 12.82 1.96
CA PHE B 62 23.07 12.95 3.11
C PHE B 62 21.95 11.94 3.19
N PHE B 63 21.94 10.94 2.30
CA PHE B 63 20.77 10.09 2.18
C PHE B 63 21.06 8.65 1.71
N ALA B 64 20.11 7.78 2.00
CA ALA B 64 20.19 6.38 1.59
C ALA B 64 18.91 6.02 0.86
N TRP B 65 19.06 5.35 -0.29
CA TRP B 65 17.90 4.90 -1.05
C TRP B 65 18.26 3.80 -2.05
N ASN B 66 17.23 3.13 -2.56
CA ASN B 66 17.43 1.95 -3.39
C ASN B 66 16.47 1.97 -4.54
N TRP B 67 16.72 1.08 -5.52
CA TRP B 67 15.73 0.73 -6.53
C TRP B 67 15.65 -0.78 -6.67
N MET B 68 14.60 -1.25 -7.34
CA MET B 68 14.28 -2.66 -7.34
C MET B 68 13.89 -3.18 -8.71
N VAL B 69 14.17 -4.47 -8.92
CA VAL B 69 13.53 -5.24 -9.97
C VAL B 69 12.40 -5.96 -9.25
N LEU B 70 11.16 -5.68 -9.65
CA LEU B 70 9.99 -6.10 -8.88
C LEU B 70 8.83 -6.49 -9.80
N GLY B 71 8.40 -7.75 -9.74
CA GLY B 71 7.20 -8.16 -10.46
C GLY B 71 5.97 -7.68 -9.71
N GLU B 72 4.90 -7.38 -10.44
CA GLU B 72 3.62 -7.04 -9.82
C GLU B 72 3.24 -8.09 -8.79
N HIS B 73 3.48 -9.35 -9.15
CA HIS B 73 3.00 -10.45 -8.32
C HIS B 73 4.15 -11.00 -7.48
N SER B 74 4.55 -10.21 -6.49
CA SER B 74 5.70 -10.55 -5.63
C SER B 74 5.33 -10.35 -4.17
N GLY B 75 5.64 -11.34 -3.34
CA GLY B 75 5.32 -11.31 -1.92
C GLY B 75 3.83 -11.21 -1.63
N THR B 76 3.50 -10.57 -0.51
CA THR B 76 2.10 -10.29 -0.21
C THR B 76 1.65 -9.33 -1.29
N HIS B 77 0.65 -9.72 -2.06
CA HIS B 77 0.24 -8.91 -3.20
C HIS B 77 -1.23 -9.10 -3.59
N PHE B 78 -1.68 -8.22 -4.47
CA PHE B 78 -3.07 -8.08 -4.87
C PHE B 78 -3.24 -8.51 -6.34
N ASP B 79 -4.30 -9.25 -6.63
CA ASP B 79 -4.63 -9.67 -7.99
C ASP B 79 -5.81 -8.85 -8.51
N ALA B 80 -5.57 -8.03 -9.54
CA ALA B 80 -6.63 -7.28 -10.18
C ALA B 80 -7.32 -8.19 -11.20
N PRO B 81 -8.56 -7.88 -11.56
CA PRO B 81 -9.27 -8.74 -12.51
C PRO B 81 -8.59 -8.92 -13.88
N HIS B 82 -7.96 -7.86 -14.42
CA HIS B 82 -7.28 -7.97 -15.73
C HIS B 82 -6.17 -9.03 -15.74
N HIS B 83 -5.76 -9.48 -14.57
CA HIS B 83 -4.68 -10.47 -14.45
C HIS B 83 -5.05 -11.81 -15.12
N TRP B 84 -6.35 -12.06 -15.27
CA TRP B 84 -6.81 -13.32 -15.84
C TRP B 84 -7.70 -13.10 -17.06
N ILE B 85 -7.57 -14.01 -18.03
CA ILE B 85 -8.30 -13.91 -19.28
C ILE B 85 -9.80 -13.68 -19.05
N THR B 86 -10.33 -14.31 -18.01
CA THR B 86 -11.75 -14.16 -17.66
C THR B 86 -12.14 -12.74 -17.23
N GLY B 87 -11.17 -11.93 -16.83
CA GLY B 87 -11.49 -10.57 -16.43
C GLY B 87 -10.92 -9.50 -17.35
N LYS B 88 -10.53 -9.89 -18.56
CA LYS B 88 -9.77 -8.98 -19.43
C LYS B 88 -10.54 -7.75 -19.91
N ASP B 89 -11.86 -7.88 -20.01
CA ASP B 89 -12.66 -6.82 -20.63
C ASP B 89 -13.21 -5.77 -19.67
N TYR B 90 -12.97 -5.94 -18.38
CA TYR B 90 -13.33 -4.88 -17.41
C TYR B 90 -12.40 -3.67 -17.58
N SER B 91 -12.99 -2.49 -17.82
CA SER B 91 -12.19 -1.27 -17.95
C SER B 91 -11.76 -0.77 -16.56
N ASP B 92 -12.42 -1.28 -15.53
CA ASP B 92 -12.08 -0.96 -14.16
C ASP B 92 -11.36 -2.14 -13.52
N GLY B 93 -10.80 -3.03 -14.36
CA GLY B 93 -10.11 -4.22 -13.88
C GLY B 93 -8.61 -4.09 -13.64
N PHE B 94 -8.10 -2.86 -13.77
CA PHE B 94 -6.69 -2.59 -13.54
C PHE B 94 -6.47 -1.93 -12.18
N THR B 95 -5.21 -1.92 -11.73
CA THR B 95 -4.87 -1.26 -10.47
C THR B 95 -5.12 0.26 -10.49
N ASP B 96 -5.02 0.88 -11.66
CA ASP B 96 -5.21 2.32 -11.75
C ASP B 96 -6.65 2.75 -12.08
N THR B 97 -7.56 1.78 -12.23
CA THR B 97 -8.93 2.09 -12.63
C THR B 97 -9.99 1.43 -11.78
N LEU B 98 -9.57 0.49 -10.93
CA LEU B 98 -10.50 -0.18 -10.03
C LEU B 98 -11.04 0.80 -9.00
N ASP B 99 -12.13 0.42 -8.33
CA ASP B 99 -12.82 1.32 -7.42
C ASP B 99 -12.28 1.15 -5.98
N VAL B 100 -11.51 2.14 -5.51
CA VAL B 100 -10.90 2.05 -4.17
C VAL B 100 -11.89 1.97 -3.00
N GLN B 101 -13.14 2.36 -3.23
CA GLN B 101 -14.17 2.22 -2.21
C GLN B 101 -14.34 0.75 -1.79
N ARG B 102 -13.97 -0.16 -2.69
CA ARG B 102 -14.16 -1.60 -2.43
C ARG B 102 -13.04 -2.19 -1.60
N LEU B 103 -11.90 -1.52 -1.57
CA LEU B 103 -10.65 -2.11 -1.08
C LEU B 103 -10.59 -2.30 0.43
N ILE B 104 -11.43 -1.56 1.16
CA ILE B 104 -11.43 -1.62 2.62
C ILE B 104 -12.76 -2.19 3.12
N ALA B 105 -12.73 -3.28 3.87
CA ALA B 105 -13.96 -3.99 4.24
C ALA B 105 -13.76 -4.97 5.38
N PRO B 106 -14.87 -5.39 6.04
CA PRO B 106 -14.75 -6.46 7.03
C PRO B 106 -14.20 -7.71 6.37
N VAL B 107 -13.45 -8.50 7.13
CA VAL B 107 -12.80 -9.69 6.61
C VAL B 107 -13.25 -10.90 7.42
N ASN B 108 -13.49 -11.99 6.71
CA ASN B 108 -13.81 -13.25 7.34
C ASN B 108 -12.56 -14.10 7.33
N VAL B 109 -12.12 -14.50 8.51
CA VAL B 109 -10.90 -15.28 8.63
C VAL B 109 -11.26 -16.73 8.96
N ILE B 110 -11.22 -17.57 7.93
CA ILE B 110 -11.54 -18.99 8.10
C ILE B 110 -10.28 -19.79 8.45
N ASP B 111 -10.24 -20.34 9.66
CA ASP B 111 -9.06 -21.04 10.16
C ASP B 111 -9.01 -22.51 9.67
N CYS B 112 -8.10 -22.80 8.75
CA CYS B 112 -7.92 -24.17 8.26
C CYS B 112 -6.48 -24.64 8.55
N SER B 113 -5.87 -24.03 9.55
CA SER B 113 -4.46 -24.28 9.83
C SER B 113 -4.16 -25.70 10.32
N LYS B 114 -5.05 -26.25 11.15
CA LYS B 114 -4.87 -27.63 11.63
C LYS B 114 -5.01 -28.62 10.47
N GLU B 115 -6.02 -28.41 9.63
CA GLU B 115 -6.26 -29.26 8.46
C GLU B 115 -5.08 -29.16 7.50
N SER B 116 -4.54 -27.97 7.32
CA SER B 116 -3.46 -27.72 6.38
C SER B 116 -2.20 -28.46 6.76
N ALA B 117 -1.89 -28.47 8.04
CA ALA B 117 -0.73 -29.20 8.58
C ALA B 117 -0.89 -30.71 8.39
N ALA B 118 -2.12 -31.21 8.50
CA ALA B 118 -2.38 -32.64 8.32
C ALA B 118 -2.27 -33.05 6.85
N ASP B 119 -2.65 -32.16 5.95
CA ASP B 119 -2.64 -32.44 4.52
C ASP B 119 -2.34 -31.15 3.77
N PRO B 120 -1.16 -31.09 3.14
CA PRO B 120 -0.73 -29.88 2.43
C PRO B 120 -1.62 -29.59 1.25
N ASP B 121 -2.39 -30.58 0.83
CA ASP B 121 -3.27 -30.39 -0.31
C ASP B 121 -4.71 -30.17 0.16
N PHE B 122 -4.87 -29.72 1.40
CA PHE B 122 -6.21 -29.48 1.94
C PHE B 122 -7.01 -28.50 1.09
N LEU B 123 -8.27 -28.82 0.87
CA LEU B 123 -9.14 -27.99 0.05
C LEU B 123 -10.35 -27.50 0.86
N LEU B 124 -10.56 -26.20 0.83
CA LEU B 124 -11.73 -25.58 1.46
C LEU B 124 -12.95 -25.70 0.52
N THR B 125 -14.04 -26.29 1.02
CA THR B 125 -15.21 -26.55 0.20
C THR B 125 -16.39 -25.63 0.55
N ALA B 126 -17.43 -25.69 -0.28
CA ALA B 126 -18.63 -24.90 -0.02
C ALA B 126 -19.29 -25.34 1.29
N ASP B 127 -19.41 -26.65 1.49
CA ASP B 127 -19.99 -27.19 2.72
C ASP B 127 -19.19 -26.72 3.94
N LEU B 128 -17.86 -26.76 3.85
CA LEU B 128 -17.04 -26.27 4.96
C LEU B 128 -17.22 -24.76 5.21
N ILE B 129 -17.28 -23.97 4.15
CA ILE B 129 -17.59 -22.55 4.31
C ILE B 129 -18.96 -22.33 4.98
N LYS B 130 -19.95 -23.10 4.54
CA LYS B 130 -21.29 -23.03 5.14
C LYS B 130 -21.28 -23.39 6.61
N ALA B 131 -20.53 -24.43 6.98
CA ALA B 131 -20.39 -24.80 8.37
C ALA B 131 -19.79 -23.62 9.15
N TRP B 132 -18.77 -23.00 8.59
CA TRP B 132 -18.07 -21.88 9.22
C TRP B 132 -19.05 -20.74 9.43
N GLU B 133 -19.85 -20.46 8.41
CA GLU B 133 -20.89 -19.45 8.51
C GLU B 133 -21.87 -19.74 9.64
N ALA B 134 -22.24 -21.01 9.82
CA ALA B 134 -23.22 -21.38 10.84
C ALA B 134 -22.69 -21.10 12.24
N GLU B 135 -21.41 -21.34 12.43
CA GLU B 135 -20.72 -21.03 13.68
C GLU B 135 -20.50 -19.52 13.89
N HIS B 136 -19.93 -18.85 12.89
CA HIS B 136 -19.43 -17.46 13.08
C HIS B 136 -20.36 -16.37 12.56
N GLY B 137 -21.16 -16.69 11.55
CA GLY B 137 -22.08 -15.72 10.98
C GLY B 137 -21.95 -15.68 9.47
N GLU B 138 -23.01 -15.26 8.79
CA GLU B 138 -23.02 -15.19 7.33
C GLU B 138 -21.85 -14.37 6.79
N ILE B 139 -21.30 -14.80 5.67
CA ILE B 139 -20.37 -13.96 4.94
C ILE B 139 -21.24 -12.98 4.18
N GLY B 140 -20.93 -11.68 4.30
CA GLY B 140 -21.75 -10.63 3.71
C GLY B 140 -21.18 -9.98 2.46
N ALA B 141 -22.06 -9.30 1.72
CA ALA B 141 -21.71 -8.59 0.49
C ALA B 141 -20.52 -7.64 0.70
N GLY B 142 -19.58 -7.66 -0.25
CA GLY B 142 -18.45 -6.74 -0.21
C GLY B 142 -17.35 -7.04 0.80
N GLU B 143 -17.51 -8.13 1.56
CA GLU B 143 -16.53 -8.46 2.59
C GLU B 143 -15.35 -9.26 2.03
N TRP B 144 -14.21 -9.19 2.72
CA TRP B 144 -13.06 -10.01 2.38
C TRP B 144 -13.24 -11.40 2.98
N VAL B 145 -12.83 -12.43 2.25
CA VAL B 145 -12.74 -13.77 2.82
C VAL B 145 -11.32 -14.31 2.65
N VAL B 146 -10.66 -14.64 3.76
CA VAL B 146 -9.29 -15.12 3.67
C VAL B 146 -9.19 -16.49 4.29
N MET B 147 -8.35 -17.35 3.71
CA MET B 147 -8.15 -18.70 4.22
C MET B 147 -6.87 -18.71 5.05
N ARG B 148 -7.00 -18.89 6.36
CA ARG B 148 -5.82 -19.01 7.20
C ARG B 148 -5.30 -20.47 7.28
N THR B 149 -4.00 -20.62 7.05
CA THR B 149 -3.39 -21.95 6.94
C THR B 149 -2.08 -21.96 7.71
N ASP B 150 -1.69 -20.76 8.15
CA ASP B 150 -0.38 -20.52 8.75
C ASP B 150 0.77 -20.96 7.83
N TRP B 151 0.50 -20.90 6.53
CA TRP B 151 1.53 -21.16 5.54
C TRP B 151 2.73 -20.23 5.66
N ASP B 152 2.51 -19.04 6.23
CA ASP B 152 3.56 -18.03 6.38
C ASP B 152 4.75 -18.53 7.21
N LYS B 153 4.55 -19.57 8.02
CA LYS B 153 5.64 -20.16 8.77
C LYS B 153 6.69 -20.78 7.86
N ARG B 154 6.36 -20.90 6.58
CA ARG B 154 7.28 -21.43 5.58
C ARG B 154 7.95 -20.32 4.76
N ALA B 155 7.60 -19.07 5.02
CA ALA B 155 8.07 -17.93 4.22
C ALA B 155 9.59 -17.69 4.30
N GLY B 156 10.25 -18.34 5.26
CA GLY B 156 11.68 -18.19 5.42
C GLY B 156 12.46 -19.14 4.54
N ASP B 157 11.75 -20.08 3.92
CA ASP B 157 12.37 -21.04 3.00
C ASP B 157 11.49 -21.23 1.77
N GLU B 158 11.97 -20.79 0.60
CA GLU B 158 11.15 -20.81 -0.60
C GLU B 158 10.70 -22.22 -0.98
N ALA B 159 11.63 -23.17 -0.94
CA ALA B 159 11.33 -24.54 -1.35
C ALA B 159 10.20 -25.10 -0.51
N ALA B 160 10.26 -24.82 0.78
CA ALA B 160 9.22 -25.28 1.71
C ALA B 160 7.91 -24.54 1.51
N PHE B 161 7.99 -23.26 1.13
CA PHE B 161 6.82 -22.43 0.90
C PHE B 161 6.06 -22.89 -0.36
N LEU B 162 6.82 -23.28 -1.38
CA LEU B 162 6.20 -23.81 -2.61
C LEU B 162 5.81 -25.27 -2.41
N ASN B 163 6.60 -25.99 -1.61
CA ASN B 163 6.31 -27.39 -1.25
C ASN B 163 6.04 -28.31 -2.45
N ALA B 164 6.98 -28.37 -3.38
CA ALA B 164 6.79 -29.12 -4.62
C ALA B 164 7.46 -30.49 -4.59
N ASP B 165 6.87 -31.45 -5.29
CA ASP B 165 7.55 -32.71 -5.57
C ASP B 165 7.38 -33.03 -7.06
N GLU B 166 7.57 -34.29 -7.44
CA GLU B 166 7.51 -34.69 -8.84
C GLU B 166 6.19 -34.30 -9.50
N THR B 167 5.12 -34.31 -8.72
CA THR B 167 3.79 -33.97 -9.25
C THR B 167 3.45 -32.48 -9.19
N GLY B 168 4.33 -31.66 -8.61
CA GLY B 168 4.12 -30.23 -8.61
C GLY B 168 4.00 -29.60 -7.23
N PRO B 169 3.52 -28.35 -7.17
CA PRO B 169 3.34 -27.67 -5.87
C PRO B 169 2.24 -28.31 -5.04
N HIS B 170 2.46 -28.47 -3.74
CA HIS B 170 1.41 -28.93 -2.84
C HIS B 170 1.18 -27.95 -1.71
N SER B 171 0.10 -27.19 -1.83
CA SER B 171 -0.29 -26.19 -0.83
C SER B 171 -1.80 -26.03 -0.84
N PRO B 172 -2.37 -25.65 0.30
CA PRO B 172 -3.85 -25.67 0.42
C PRO B 172 -4.50 -24.57 -0.42
N GLY B 173 -5.83 -24.60 -0.53
CA GLY B 173 -6.57 -23.67 -1.36
C GLY B 173 -8.02 -24.11 -1.46
N PRO B 174 -8.83 -23.38 -2.25
CA PRO B 174 -10.28 -23.62 -2.34
C PRO B 174 -10.66 -24.50 -3.52
N THR B 175 -11.83 -25.14 -3.43
CA THR B 175 -12.43 -25.84 -4.56
C THR B 175 -13.12 -24.82 -5.47
N PRO B 176 -13.41 -25.21 -6.72
CA PRO B 176 -14.26 -24.38 -7.60
C PRO B 176 -15.62 -24.02 -7.00
N ASP B 177 -16.31 -24.98 -6.38
CA ASP B 177 -17.63 -24.68 -5.81
C ASP B 177 -17.54 -23.71 -4.63
N ALA B 178 -16.47 -23.83 -3.85
CA ALA B 178 -16.19 -22.90 -2.75
C ALA B 178 -16.17 -21.45 -3.26
N ILE B 179 -15.48 -21.22 -4.36
CA ILE B 179 -15.40 -19.88 -4.92
C ILE B 179 -16.72 -19.39 -5.49
N GLU B 180 -17.42 -20.25 -6.23
CA GLU B 180 -18.77 -19.92 -6.73
C GLU B 180 -19.71 -19.52 -5.60
N TYR B 181 -19.70 -20.31 -4.53
CA TYR B 181 -20.54 -19.99 -3.39
C TYR B 181 -20.21 -18.62 -2.79
N LEU B 182 -18.92 -18.29 -2.69
CA LEU B 182 -18.52 -16.98 -2.15
C LEU B 182 -18.98 -15.86 -3.07
N LEU B 183 -18.80 -16.06 -4.37
CA LEU B 183 -19.23 -15.09 -5.37
C LEU B 183 -20.75 -14.88 -5.39
N SER B 184 -21.51 -15.88 -4.92
CA SER B 184 -22.95 -15.71 -4.76
C SER B 184 -23.27 -14.82 -3.56
N LYS B 185 -22.32 -14.71 -2.64
CA LYS B 185 -22.46 -13.83 -1.48
C LYS B 185 -21.99 -12.42 -1.82
N LYS B 186 -21.55 -12.24 -3.08
CA LYS B 186 -21.12 -10.93 -3.59
C LYS B 186 -19.93 -10.35 -2.80
N ILE B 187 -18.99 -11.20 -2.41
CA ILE B 187 -17.77 -10.75 -1.76
C ILE B 187 -16.94 -9.91 -2.71
N VAL B 188 -16.03 -9.12 -2.15
CA VAL B 188 -15.12 -8.31 -2.95
C VAL B 188 -13.89 -9.09 -3.39
N GLY B 189 -13.51 -10.11 -2.61
CA GLY B 189 -12.26 -10.78 -2.87
C GLY B 189 -11.88 -11.87 -1.89
N TRP B 190 -10.88 -12.65 -2.30
CA TRP B 190 -10.48 -13.85 -1.57
C TRP B 190 -8.96 -13.88 -1.43
N GLY B 191 -8.48 -14.31 -0.26
CA GLY B 191 -7.06 -14.20 0.04
C GLY B 191 -6.43 -15.47 0.62
N SER B 192 -5.14 -15.62 0.33
CA SER B 192 -4.40 -16.78 0.82
C SER B 192 -3.07 -16.38 1.47
N GLN B 193 -2.51 -17.32 2.23
CA GLN B 193 -1.18 -17.16 2.79
C GLN B 193 -0.16 -17.95 1.97
N CYS B 194 -0.66 -18.59 0.92
CA CYS B 194 0.18 -19.34 0.00
C CYS B 194 0.66 -18.42 -1.13
N ILE B 195 1.42 -18.99 -2.07
CA ILE B 195 2.05 -18.20 -3.13
C ILE B 195 1.02 -17.54 -4.04
N GLY B 196 -0.12 -18.22 -4.20
CA GLY B 196 -1.24 -17.73 -5.00
C GLY B 196 -2.59 -18.04 -4.36
N THR B 197 -3.66 -17.51 -4.93
CA THR B 197 -5.00 -17.67 -4.38
C THR B 197 -5.59 -19.06 -4.59
N ASP B 198 -4.89 -19.90 -5.35
CA ASP B 198 -5.34 -21.25 -5.65
C ASP B 198 -4.44 -22.28 -4.98
N ALA B 199 -4.98 -23.46 -4.69
CA ALA B 199 -4.18 -24.58 -4.18
C ALA B 199 -3.03 -24.87 -5.14
N GLY B 200 -1.95 -25.48 -4.64
CA GLY B 200 -0.82 -25.80 -5.51
C GLY B 200 -1.23 -26.66 -6.69
N GLN B 201 -2.11 -27.61 -6.43
CA GLN B 201 -2.56 -28.56 -7.43
C GLN B 201 -3.75 -28.05 -8.26
N ALA B 202 -3.94 -26.73 -8.30
CA ALA B 202 -5.10 -26.15 -8.99
C ALA B 202 -5.01 -26.21 -10.54
N GLY B 203 -3.85 -26.58 -11.07
CA GLY B 203 -3.68 -26.71 -12.51
C GLY B 203 -4.49 -27.88 -13.08
N GLY B 204 -4.72 -28.90 -12.25
CA GLY B 204 -5.53 -30.03 -12.65
C GLY B 204 -6.98 -29.92 -12.22
N MET B 205 -7.41 -28.71 -11.88
CA MET B 205 -8.80 -28.50 -11.48
C MET B 205 -9.64 -28.07 -12.67
N GLU B 206 -10.95 -28.05 -12.47
CA GLU B 206 -11.89 -27.72 -13.52
C GLU B 206 -12.84 -26.63 -13.06
N PRO B 207 -12.61 -25.38 -13.51
CA PRO B 207 -11.54 -24.96 -14.42
C PRO B 207 -10.20 -24.81 -13.71
N PRO B 208 -9.09 -24.95 -14.45
CA PRO B 208 -7.75 -24.72 -13.90
C PRO B 208 -7.70 -23.38 -13.17
N PHE B 209 -7.06 -23.34 -12.01
CA PHE B 209 -6.94 -22.11 -11.22
C PHE B 209 -8.29 -21.39 -10.99
N PRO B 210 -9.26 -22.10 -10.38
CA PRO B 210 -10.63 -21.59 -10.24
C PRO B 210 -10.72 -20.28 -9.46
N ALA B 211 -9.94 -20.13 -8.40
CA ALA B 211 -9.90 -18.83 -7.70
C ALA B 211 -9.59 -17.74 -8.73
N HIS B 212 -8.45 -17.86 -9.40
CA HIS B 212 -8.06 -16.86 -10.39
C HIS B 212 -9.15 -16.68 -11.45
N ASN B 213 -9.56 -17.80 -12.04
CA ASN B 213 -10.59 -17.77 -13.08
C ASN B 213 -11.90 -17.13 -12.65
N LEU B 214 -12.50 -17.64 -11.59
CA LEU B 214 -13.86 -17.22 -11.20
C LEU B 214 -13.91 -15.83 -10.54
N LEU B 215 -12.94 -15.54 -9.66
CA LEU B 215 -12.85 -14.24 -8.99
C LEU B 215 -12.79 -13.10 -9.99
N HIS B 216 -11.94 -13.25 -10.98
CA HIS B 216 -11.73 -12.17 -11.93
C HIS B 216 -12.85 -12.07 -12.98
N ARG B 217 -13.47 -13.21 -13.30
CA ARG B 217 -14.68 -13.22 -14.14
C ARG B 217 -15.74 -12.27 -13.57
N ASP B 218 -15.86 -12.26 -12.24
CA ASP B 218 -16.84 -11.40 -11.57
C ASP B 218 -16.25 -10.05 -11.15
N ASN B 219 -15.11 -9.66 -11.73
CA ASN B 219 -14.51 -8.37 -11.39
C ASN B 219 -14.19 -8.27 -9.88
N CYS B 220 -13.73 -9.38 -9.31
CA CYS B 220 -13.29 -9.43 -7.89
C CYS B 220 -11.78 -9.65 -7.76
N PHE B 221 -11.29 -9.48 -6.53
CA PHE B 221 -9.85 -9.40 -6.29
C PHE B 221 -9.32 -10.63 -5.59
N GLY B 222 -8.01 -10.86 -5.71
CA GLY B 222 -7.31 -11.90 -4.97
C GLY B 222 -6.16 -11.31 -4.15
N LEU B 223 -5.80 -12.00 -3.07
CA LEU B 223 -4.67 -11.60 -2.22
C LEU B 223 -3.86 -12.86 -1.92
N ALA B 224 -2.54 -12.76 -2.03
CA ALA B 224 -1.69 -13.92 -1.81
C ALA B 224 -0.54 -13.57 -0.89
N SER B 225 0.05 -14.60 -0.27
CA SER B 225 1.17 -14.45 0.67
C SER B 225 0.84 -13.56 1.88
N LEU B 226 -0.41 -13.66 2.34
CA LEU B 226 -0.85 -12.95 3.53
C LEU B 226 -0.13 -13.50 4.77
N ALA B 227 0.41 -12.61 5.61
CA ALA B 227 1.11 -13.01 6.83
C ALA B 227 0.22 -12.77 8.06
N ASN B 228 0.49 -13.51 9.14
CA ASN B 228 -0.11 -13.25 10.46
C ASN B 228 -1.63 -13.24 10.53
N LEU B 229 -2.29 -14.07 9.72
CA LEU B 229 -3.73 -14.21 9.88
C LEU B 229 -4.05 -14.89 11.22
N ASP B 230 -3.05 -15.49 11.87
CA ASP B 230 -3.26 -16.03 13.21
C ASP B 230 -3.55 -14.95 14.29
N LYS B 231 -3.29 -13.68 13.96
CA LYS B 231 -3.56 -12.58 14.88
C LYS B 231 -4.90 -11.91 14.64
N LEU B 232 -5.64 -12.40 13.65
CA LEU B 232 -6.97 -11.88 13.36
C LEU B 232 -8.03 -12.78 13.99
N PRO B 233 -9.18 -12.20 14.34
CA PRO B 233 -10.30 -13.02 14.79
C PRO B 233 -11.08 -13.53 13.58
N ALA B 234 -11.85 -14.60 13.76
CA ALA B 234 -12.69 -15.11 12.70
C ALA B 234 -13.59 -14.01 12.13
N LYS B 235 -14.20 -13.23 13.02
CA LYS B 235 -15.06 -12.11 12.61
C LYS B 235 -14.67 -10.80 13.27
N GLY B 236 -14.99 -9.69 12.60
CA GLY B 236 -14.97 -8.39 13.24
C GLY B 236 -13.82 -7.46 12.90
N ALA B 237 -12.86 -7.95 12.13
CA ALA B 237 -11.74 -7.11 11.74
C ALA B 237 -11.98 -6.43 10.39
N ILE B 238 -11.25 -5.36 10.16
CA ILE B 238 -11.30 -4.62 8.91
C ILE B 238 -10.00 -4.87 8.16
N LEU B 239 -10.10 -5.35 6.92
CA LEU B 239 -8.92 -5.55 6.09
C LEU B 239 -8.73 -4.40 5.11
N ILE B 240 -7.51 -3.87 5.09
CA ILE B 240 -7.09 -2.83 4.15
C ILE B 240 -6.07 -3.43 3.20
N ALA B 241 -6.42 -3.50 1.91
CA ALA B 241 -5.56 -4.17 0.94
C ALA B 241 -5.63 -3.43 -0.39
N ALA B 242 -4.72 -2.48 -0.56
CA ALA B 242 -4.76 -1.59 -1.71
C ALA B 242 -3.49 -1.68 -2.57
N PRO B 243 -3.67 -1.98 -3.86
CA PRO B 243 -2.52 -2.13 -4.77
C PRO B 243 -1.91 -0.76 -5.08
N LEU B 244 -0.63 -0.73 -5.41
CA LEU B 244 -0.04 0.47 -5.99
C LEU B 244 -0.83 0.83 -7.24
N LYS B 245 -0.84 2.10 -7.61
CA LYS B 245 -1.64 2.53 -8.76
C LYS B 245 -0.85 2.36 -10.06
N ILE B 246 -0.48 1.12 -10.35
CA ILE B 246 0.37 0.83 -11.51
C ILE B 246 -0.45 1.05 -12.77
N GLU B 247 0.14 1.75 -13.74
CA GLU B 247 -0.54 2.02 -15.00
C GLU B 247 -0.86 0.71 -15.74
N ARG B 248 -2.15 0.47 -15.97
CA ARG B 248 -2.62 -0.81 -16.55
C ARG B 248 -2.09 -2.02 -15.76
N GLY B 249 -1.92 -1.85 -14.45
CA GLY B 249 -1.41 -2.91 -13.60
C GLY B 249 -2.37 -4.08 -13.44
N THR B 250 -1.81 -5.28 -13.49
CA THR B 250 -2.58 -6.50 -13.35
C THR B 250 -2.62 -6.89 -11.88
N GLY B 251 -1.83 -6.18 -11.09
CA GLY B 251 -1.61 -6.53 -9.70
C GLY B 251 -0.51 -5.67 -9.09
N SER B 252 -0.17 -5.94 -7.84
CA SER B 252 0.90 -5.20 -7.15
C SER B 252 1.20 -5.81 -5.80
N PRO B 253 2.47 -5.74 -5.38
CA PRO B 253 2.73 -5.98 -3.95
C PRO B 253 1.95 -4.94 -3.15
N ILE B 254 1.58 -5.29 -1.92
CA ILE B 254 0.80 -4.41 -1.08
C ILE B 254 1.32 -4.46 0.34
N ARG B 255 0.94 -3.47 1.14
CA ARG B 255 1.11 -3.55 2.59
C ARG B 255 -0.27 -3.85 3.15
N ALA B 256 -0.59 -5.14 3.29
CA ALA B 256 -1.90 -5.53 3.81
C ALA B 256 -1.94 -5.21 5.29
N LEU B 257 -2.92 -4.40 5.70
CA LEU B 257 -3.08 -4.07 7.10
C LEU B 257 -4.47 -4.43 7.63
N ALA B 258 -4.53 -4.96 8.84
CA ALA B 258 -5.83 -5.20 9.46
C ALA B 258 -6.06 -4.39 10.75
N LEU B 259 -7.30 -3.98 10.94
CA LEU B 259 -7.72 -3.31 12.16
C LEU B 259 -8.51 -4.31 13.00
N VAL B 260 -8.00 -4.57 14.20
CA VAL B 260 -8.70 -5.45 15.12
C VAL B 260 -8.89 -4.75 16.46
N PRO B 261 -9.90 -5.18 17.23
CA PRO B 261 -10.04 -4.68 18.61
C PRO B 261 -8.91 -5.19 19.50
N LYS B 262 -8.40 -4.32 20.37
CA LYS B 262 -7.53 -4.65 21.52
C LYS B 262 -6.72 -3.42 21.95
MN MN C . 11.33 10.25 -1.03
NA NA D . 22.06 17.76 0.20
CA CA E . -2.03 -32.13 -10.54
MN MN F . -0.85 -12.98 -8.27
NA NA G . -2.97 -21.33 -16.59
NA NA H . 18.87 1.80 -12.77
#